data_2FFA
#
_entry.id   2FFA
#
_cell.length_a   180.156
_cell.length_b   34.770
_cell.length_c   38.100
_cell.angle_alpha   90.00
_cell.angle_beta   98.58
_cell.angle_gamma   90.00
#
_symmetry.space_group_name_H-M   'C 1 2 1'
#
loop_
_entity.id
_entity.type
_entity.pdbx_description
1 polymer 'Alpha-hemolysin translocation ATP-binding protein hlyB'
2 non-polymer "ADENOSINE-5'-DIPHOSPHATE"
3 non-polymer (4S)-2-METHYL-2,4-PENTANEDIOL
4 water water
#
_entity_poly.entity_id   1
_entity_poly.type   'polypeptide(L)'
_entity_poly.pdbx_seq_one_letter_code
;HHHHHHDITFRNIRFRYKPDSPVILDNINLSIKQGEVIGIVGRSGSGKSTLTKLIQRFYIPENGQVLIDGHDLALADPNW
LRRQVGVVLQDNVLLNRSIIDNISLANPGMSVEKVIYAAKLAGAHDFISELREGYNTIVGEQGAGLSGGQRQRIAIARAL
VNNPKILIFDEATSALDYESEHVIMRNMHKICKGRTVIIIAARLSTVKNADRIIVMEKGKIVEQGKHKELLSEPESLYSY
LYQLQSD
;
_entity_poly.pdbx_strand_id   A
#
loop_
_chem_comp.id
_chem_comp.type
_chem_comp.name
_chem_comp.formula
ADP non-polymer ADENOSINE-5'-DIPHOSPHATE 'C10 H15 N5 O10 P2'
MPD non-polymer (4S)-2-METHYL-2,4-PENTANEDIOL 'C6 H14 O2'
#
# COMPACT_ATOMS: atom_id res chain seq x y z
N HIS A 5 -12.00 17.14 1.66
CA HIS A 5 -12.76 15.94 1.19
C HIS A 5 -12.11 14.70 1.78
N HIS A 6 -12.92 13.72 2.19
CA HIS A 6 -12.43 12.39 2.64
C HIS A 6 -12.51 11.36 1.52
N ASP A 7 -11.40 10.69 1.30
CA ASP A 7 -11.28 9.69 0.25
C ASP A 7 -11.63 8.33 0.82
N ILE A 8 -11.42 8.13 2.11
CA ILE A 8 -11.72 6.82 2.67
C ILE A 8 -12.41 6.96 4.05
N THR A 9 -13.55 6.28 4.25
CA THR A 9 -14.24 6.33 5.54
C THR A 9 -14.69 4.96 5.92
N PHE A 10 -14.41 4.57 7.15
CA PHE A 10 -14.97 3.34 7.75
C PHE A 10 -15.88 3.82 8.86
N ARG A 11 -17.09 3.26 8.89
CA ARG A 11 -18.07 3.60 9.93
C ARG A 11 -18.52 2.34 10.58
N ASN A 12 -18.16 2.16 11.86
CA ASN A 12 -18.65 1.04 12.65
C ASN A 12 -18.39 -0.36 12.06
N ILE A 13 -17.26 -0.49 11.36
CA ILE A 13 -17.04 -1.72 10.62
C ILE A 13 -16.78 -2.94 11.52
N ARG A 14 -17.54 -4.02 11.32
CA ARG A 14 -17.27 -5.28 11.99
C ARG A 14 -17.08 -6.29 10.88
N PHE A 15 -16.03 -7.11 11.01
CA PHE A 15 -15.72 -8.08 9.97
C PHE A 15 -15.13 -9.36 10.55
N ARG A 16 -15.59 -10.48 9.99
CA ARG A 16 -14.97 -11.79 10.18
C ARG A 16 -14.94 -12.51 8.82
N TYR A 17 -13.95 -13.38 8.63
CA TYR A 17 -13.74 -13.98 7.31
C TYR A 17 -14.76 -15.03 6.93
N LYS A 18 -15.30 -15.72 7.92
CA LYS A 18 -16.34 -16.74 7.66
C LYS A 18 -17.42 -16.72 8.73
N PRO A 19 -18.64 -17.11 8.36
CA PRO A 19 -19.79 -17.13 9.26
C PRO A 19 -19.54 -17.36 10.77
N ASP A 20 -18.78 -18.37 11.15
CA ASP A 20 -18.54 -18.61 12.55
C ASP A 20 -17.17 -18.12 13.03
N SER A 21 -16.28 -17.78 12.08
CA SER A 21 -14.89 -17.36 12.35
C SER A 21 -14.80 -16.23 13.36
N PRO A 22 -13.63 -16.03 13.97
CA PRO A 22 -13.46 -14.92 14.93
C PRO A 22 -13.62 -13.54 14.27
N VAL A 23 -14.17 -12.59 15.03
CA VAL A 23 -14.21 -11.17 14.59
C VAL A 23 -12.78 -10.66 14.48
N ILE A 24 -12.46 -10.07 13.33
CA ILE A 24 -11.09 -9.62 13.02
C ILE A 24 -11.01 -8.11 13.09
N LEU A 25 -12.13 -7.45 12.78
CA LEU A 25 -12.17 -6.01 12.85
C LEU A 25 -13.38 -5.66 13.64
N ASP A 26 -13.19 -4.84 14.67
CA ASP A 26 -14.34 -4.50 15.48
C ASP A 26 -14.52 -3.00 15.68
N ASN A 27 -15.70 -2.53 15.26
CA ASN A 27 -16.10 -1.13 15.35
C ASN A 27 -15.07 -0.15 14.84
N ILE A 28 -14.56 -0.42 13.64
CA ILE A 28 -13.53 0.44 13.05
C ILE A 28 -14.20 1.73 12.54
N ASN A 29 -13.72 2.85 13.06
CA ASN A 29 -14.10 4.18 12.62
C ASN A 29 -12.85 4.92 12.17
N LEU A 30 -12.83 5.31 10.90
CA LEU A 30 -11.65 6.00 10.40
C LEU A 30 -12.10 6.87 9.26
N SER A 31 -11.56 8.07 9.16
CA SER A 31 -11.86 8.92 8.01
C SER A 31 -10.56 9.52 7.56
N ILE A 32 -10.17 9.24 6.33
CA ILE A 32 -8.88 9.68 5.79
C ILE A 32 -9.15 10.74 4.74
N LYS A 33 -8.56 11.92 4.94
CA LYS A 33 -8.66 13.02 4.01
C LYS A 33 -7.96 12.73 2.69
N GLN A 34 -8.48 13.29 1.61
CA GLN A 34 -7.87 13.17 0.30
C GLN A 34 -6.43 13.73 0.37
N GLY A 35 -5.44 12.93 -0.07
CA GLY A 35 -4.06 13.35 -0.10
C GLY A 35 -3.26 13.04 1.15
N GLU A 36 -3.94 12.56 2.19
CA GLU A 36 -3.28 12.20 3.43
C GLU A 36 -2.43 10.98 3.15
N VAL A 37 -1.29 10.89 3.84
CA VAL A 37 -0.45 9.73 3.82
C VAL A 37 -0.55 9.17 5.24
N ILE A 38 -1.13 7.97 5.32
CA ILE A 38 -1.42 7.27 6.57
C ILE A 38 -0.51 6.03 6.72
N GLY A 39 0.08 5.90 7.88
CA GLY A 39 0.79 4.67 8.19
C GLY A 39 -0.10 3.81 9.08
N ILE A 40 -0.05 2.49 8.93
CA ILE A 40 -0.84 1.62 9.81
C ILE A 40 0.16 0.65 10.36
N VAL A 41 0.23 0.62 11.69
CA VAL A 41 1.16 -0.24 12.41
C VAL A 41 0.43 -1.06 13.46
N GLY A 42 1.12 -2.05 14.01
CA GLY A 42 0.48 -2.96 14.95
C GLY A 42 1.11 -4.34 14.83
N ARG A 43 0.98 -5.15 15.87
CA ARG A 43 1.53 -6.49 15.82
C ARG A 43 0.98 -7.35 14.70
N SER A 44 1.69 -8.42 14.36
CA SER A 44 1.18 -9.34 13.33
C SER A 44 -0.19 -9.85 13.77
N GLY A 45 -1.10 -9.88 12.82
CA GLY A 45 -2.44 -10.33 13.07
C GLY A 45 -3.39 -9.34 13.70
N SER A 46 -2.98 -8.06 13.77
CA SER A 46 -3.84 -7.04 14.39
C SER A 46 -4.97 -6.61 13.50
N GLY A 47 -4.88 -6.93 12.22
CA GLY A 47 -5.98 -6.64 11.26
C GLY A 47 -5.60 -5.56 10.23
N LYS A 48 -4.31 -5.24 10.10
CA LYS A 48 -3.89 -4.17 9.17
C LYS A 48 -4.23 -4.51 7.74
N SER A 49 -3.80 -5.67 7.28
CA SER A 49 -4.08 -6.07 5.89
C SER A 49 -5.59 -6.23 5.63
N THR A 50 -6.32 -6.76 6.61
CA THR A 50 -7.77 -6.92 6.47
C THR A 50 -8.45 -5.58 6.20
N LEU A 51 -8.01 -4.52 6.87
CA LEU A 51 -8.55 -3.18 6.64
C LEU A 51 -8.42 -2.81 5.14
N THR A 52 -7.26 -3.08 4.53
CA THR A 52 -7.06 -2.83 3.11
C THR A 52 -7.85 -3.72 2.19
N LYS A 53 -8.15 -4.93 2.62
CA LYS A 53 -8.91 -5.82 1.81
C LYS A 53 -10.32 -5.21 1.68
N LEU A 54 -10.84 -4.64 2.77
CA LEU A 54 -12.20 -4.06 2.74
C LEU A 54 -12.27 -2.86 1.84
N ILE A 55 -11.21 -2.06 1.80
CA ILE A 55 -11.20 -0.90 0.90
C ILE A 55 -11.41 -1.31 -0.52
N GLN A 56 -10.90 -2.49 -0.88
CA GLN A 56 -11.04 -3.02 -2.24
C GLN A 56 -12.27 -3.88 -2.46
N ARG A 57 -13.11 -3.99 -1.44
CA ARG A 57 -14.29 -4.85 -1.45
C ARG A 57 -13.97 -6.30 -1.78
N PHE A 58 -12.78 -6.77 -1.41
CA PHE A 58 -12.48 -8.20 -1.52
C PHE A 58 -13.37 -9.05 -0.61
N TYR A 59 -13.85 -8.39 0.45
CA TYR A 59 -14.73 -8.96 1.45
C TYR A 59 -15.76 -7.87 1.82
N ILE A 60 -16.89 -8.34 2.35
CA ILE A 60 -18.01 -7.45 2.71
C ILE A 60 -18.21 -7.53 4.23
N PRO A 61 -18.29 -6.38 4.89
CA PRO A 61 -18.44 -6.36 6.37
C PRO A 61 -19.84 -6.80 6.81
N GLU A 62 -19.96 -7.38 7.99
CA GLU A 62 -21.29 -7.77 8.48
C GLU A 62 -22.04 -6.59 9.09
N ASN A 63 -21.28 -5.60 9.59
CA ASN A 63 -21.86 -4.36 10.11
C ASN A 63 -21.06 -3.18 9.59
N GLY A 64 -21.71 -2.04 9.39
CA GLY A 64 -20.96 -0.82 9.13
C GLY A 64 -20.81 -0.54 7.65
N GLN A 65 -20.21 0.60 7.33
CA GLN A 65 -19.97 0.94 5.94
C GLN A 65 -18.54 1.32 5.63
N VAL A 66 -18.13 1.02 4.40
CA VAL A 66 -16.89 1.60 3.88
C VAL A 66 -17.29 2.54 2.78
N LEU A 67 -16.78 3.77 2.83
CA LEU A 67 -17.12 4.74 1.77
C LEU A 67 -15.82 5.19 1.10
N ILE A 68 -15.77 5.15 -0.23
CA ILE A 68 -14.55 5.48 -0.98
C ILE A 68 -14.87 6.61 -1.88
N ASP A 69 -14.03 7.66 -1.80
CA ASP A 69 -14.31 8.90 -2.50
C ASP A 69 -15.73 9.43 -2.21
N GLY A 70 -16.25 9.15 -1.01
CA GLY A 70 -17.63 9.48 -0.68
C GLY A 70 -18.72 8.44 -1.01
N HIS A 71 -18.38 7.46 -1.84
CA HIS A 71 -19.35 6.45 -2.29
C HIS A 71 -19.38 5.21 -1.36
N ASP A 72 -20.55 4.86 -0.77
CA ASP A 72 -20.69 3.57 -0.05
C ASP A 72 -20.32 2.47 -1.04
N LEU A 73 -19.38 1.60 -0.67
CA LEU A 73 -18.87 0.63 -1.61
C LEU A 73 -19.93 -0.46 -1.95
N ALA A 74 -20.96 -0.60 -1.11
CA ALA A 74 -22.07 -1.52 -1.41
C ALA A 74 -22.76 -1.16 -2.70
N LEU A 75 -22.75 0.14 -3.03
CA LEU A 75 -23.50 0.70 -4.13
C LEU A 75 -22.59 1.07 -5.28
N ALA A 76 -21.31 1.28 -4.96
CA ALA A 76 -20.34 1.70 -5.95
C ALA A 76 -20.09 0.68 -7.07
N ASP A 77 -19.77 1.20 -8.24
CA ASP A 77 -19.43 0.36 -9.38
C ASP A 77 -18.10 -0.37 -9.11
N PRO A 78 -18.07 -1.71 -9.12
CA PRO A 78 -16.83 -2.43 -8.79
C PRO A 78 -15.71 -2.16 -9.78
N ASN A 79 -16.05 -1.92 -11.03
CA ASN A 79 -15.04 -1.53 -12.02
C ASN A 79 -14.41 -0.19 -11.71
N TRP A 80 -15.24 0.79 -11.33
CA TRP A 80 -14.74 2.09 -10.89
C TRP A 80 -13.85 1.92 -9.67
N LEU A 81 -14.31 1.14 -8.70
CA LEU A 81 -13.47 0.90 -7.51
C LEU A 81 -12.10 0.33 -7.84
N ARG A 82 -12.02 -0.58 -8.80
CA ARG A 82 -10.75 -1.22 -9.12
C ARG A 82 -9.78 -0.20 -9.71
N ARG A 83 -10.32 0.77 -10.43
CA ARG A 83 -9.50 1.86 -11.02
C ARG A 83 -9.07 2.94 -10.03
N GLN A 84 -9.80 3.07 -8.93
CA GLN A 84 -9.48 4.08 -7.91
C GLN A 84 -8.30 3.71 -6.98
N VAL A 85 -8.04 2.41 -6.87
CA VAL A 85 -7.06 1.88 -5.92
C VAL A 85 -5.89 1.15 -6.62
N GLY A 86 -4.66 1.59 -6.34
CA GLY A 86 -3.47 0.92 -6.79
C GLY A 86 -2.80 0.30 -5.56
N VAL A 87 -2.44 -0.98 -5.66
CA VAL A 87 -1.77 -1.66 -4.58
C VAL A 87 -0.34 -2.06 -4.94
N VAL A 88 0.63 -1.63 -4.13
CA VAL A 88 2.01 -2.07 -4.28
C VAL A 88 2.13 -3.46 -3.64
N LEU A 89 2.09 -4.49 -4.46
CA LEU A 89 2.19 -5.86 -3.96
C LEU A 89 3.61 -6.21 -3.64
N GLN A 90 3.74 -7.19 -2.75
CA GLN A 90 5.03 -7.79 -2.40
C GLN A 90 5.20 -9.11 -3.13
N ASP A 91 6.36 -9.28 -3.75
CA ASP A 91 6.72 -10.54 -4.43
C ASP A 91 5.62 -11.04 -5.39
N ASN A 92 5.26 -10.18 -6.35
CA ASN A 92 4.18 -10.47 -7.29
C ASN A 92 4.52 -10.07 -8.73
N VAL A 93 5.80 -9.93 -9.00
CA VAL A 93 6.23 -9.64 -10.35
C VAL A 93 6.39 -11.00 -11.05
N LEU A 94 5.77 -11.15 -12.23
CA LEU A 94 5.76 -12.41 -12.96
C LEU A 94 7.05 -12.61 -13.70
N LEU A 95 7.76 -13.68 -13.35
CA LEU A 95 9.10 -13.93 -13.87
C LEU A 95 9.09 -14.28 -15.36
N ASN A 96 8.05 -14.97 -15.80
CA ASN A 96 7.96 -15.44 -17.17
C ASN A 96 7.49 -14.37 -18.15
N ARG A 97 7.44 -13.12 -17.68
CA ARG A 97 6.95 -12.04 -18.52
C ARG A 97 7.85 -10.82 -18.45
N SER A 98 7.73 -9.95 -19.46
CA SER A 98 8.58 -8.79 -19.61
C SER A 98 8.27 -7.71 -18.58
N ILE A 99 9.21 -6.79 -18.39
CA ILE A 99 9.00 -5.67 -17.49
C ILE A 99 7.73 -4.88 -17.78
N ILE A 100 7.57 -4.47 -19.03
CA ILE A 100 6.40 -3.69 -19.46
C ILE A 100 5.07 -4.46 -19.27
N ASP A 101 5.08 -5.75 -19.58
CA ASP A 101 3.91 -6.59 -19.35
C ASP A 101 3.57 -6.65 -17.87
N ASN A 102 4.60 -6.78 -17.02
CA ASN A 102 4.43 -6.69 -15.57
C ASN A 102 3.86 -5.38 -15.10
N ILE A 103 4.31 -4.28 -15.67
CA ILE A 103 3.82 -2.97 -15.23
C ILE A 103 2.38 -2.72 -15.67
N SER A 104 2.02 -3.17 -16.88
CA SER A 104 0.69 -2.91 -17.43
C SER A 104 -0.31 -4.04 -17.21
N LEU A 105 0.02 -4.94 -16.28
CA LEU A 105 -0.82 -6.11 -15.99
C LEU A 105 -2.19 -5.75 -15.38
N ALA A 106 -2.80 -4.66 -15.88
CA ALA A 106 -4.22 -4.36 -15.64
C ALA A 106 -4.89 -3.95 -16.95
N ASN A 107 -4.32 -2.96 -17.62
CA ASN A 107 -4.80 -2.54 -18.94
C ASN A 107 -3.71 -2.79 -20.00
N PRO A 108 -3.61 -4.02 -20.51
CA PRO A 108 -2.63 -4.36 -21.56
C PRO A 108 -2.49 -3.39 -22.75
N GLY A 109 -3.52 -2.60 -23.06
CA GLY A 109 -3.41 -1.52 -24.03
C GLY A 109 -2.68 -0.28 -23.50
N MET A 110 -2.32 -0.31 -22.22
CA MET A 110 -1.53 0.72 -21.53
C MET A 110 -0.42 1.26 -22.41
N SER A 111 -0.47 2.55 -22.69
CA SER A 111 0.52 3.25 -23.51
C SER A 111 1.94 3.05 -22.97
N VAL A 112 2.91 2.89 -23.87
CA VAL A 112 4.32 2.86 -23.44
C VAL A 112 4.63 4.12 -22.62
N GLU A 113 4.01 5.23 -23.01
CA GLU A 113 4.21 6.50 -22.36
C GLU A 113 3.75 6.42 -20.91
N LYS A 114 2.58 5.80 -20.69
CA LYS A 114 2.04 5.66 -19.34
C LYS A 114 2.90 4.74 -18.48
N VAL A 115 3.38 3.66 -19.10
CA VAL A 115 4.29 2.72 -18.46
C VAL A 115 5.58 3.40 -18.01
N ILE A 116 6.21 4.14 -18.91
CA ILE A 116 7.47 4.85 -18.58
C ILE A 116 7.26 5.92 -17.51
N TYR A 117 6.14 6.63 -17.59
CA TYR A 117 5.84 7.62 -16.56
C TYR A 117 5.78 6.98 -15.17
N ALA A 118 5.07 5.87 -15.08
CA ALA A 118 4.89 5.16 -13.82
C ALA A 118 6.28 4.63 -13.39
N ALA A 119 7.04 4.13 -14.37
CA ALA A 119 8.39 3.65 -14.05
C ALA A 119 9.33 4.77 -13.55
N LYS A 120 9.18 5.98 -14.08
CA LYS A 120 9.99 7.11 -13.63
C LYS A 120 9.65 7.50 -12.19
N LEU A 121 8.36 7.51 -11.87
CA LEU A 121 7.93 7.82 -10.50
C LEU A 121 8.48 6.79 -9.53
N ALA A 122 8.35 5.51 -9.94
CA ALA A 122 8.82 4.37 -9.17
C ALA A 122 10.37 4.30 -9.03
N GLY A 123 11.09 5.06 -9.86
CA GLY A 123 12.55 5.04 -9.81
C GLY A 123 13.10 3.76 -10.42
N ALA A 124 12.34 3.18 -11.36
CA ALA A 124 12.71 1.98 -12.07
C ALA A 124 13.19 2.28 -13.49
N HIS A 125 12.73 3.40 -14.07
CA HIS A 125 13.01 3.68 -15.49
C HIS A 125 14.50 3.67 -15.79
N ASP A 126 15.28 4.23 -14.89
CA ASP A 126 16.72 4.35 -15.14
C ASP A 126 17.39 2.98 -15.26
N PHE A 127 17.16 2.09 -14.30
CA PHE A 127 17.77 0.76 -14.39
C PHE A 127 17.20 -0.06 -15.56
N ILE A 128 15.89 0.03 -15.82
CA ILE A 128 15.32 -0.67 -16.97
C ILE A 128 16.00 -0.26 -18.28
N SER A 129 16.17 1.06 -18.44
CA SER A 129 16.77 1.68 -19.64
C SER A 129 18.22 1.24 -19.91
N GLU A 130 18.89 0.73 -18.89
CA GLU A 130 20.28 0.32 -19.03
C GLU A 130 20.41 -1.20 -19.22
N LEU A 131 19.27 -1.87 -19.32
CA LEU A 131 19.22 -3.30 -19.64
C LEU A 131 19.23 -3.50 -21.14
N ARG A 132 19.95 -4.53 -21.60
CA ARG A 132 20.09 -4.82 -23.03
C ARG A 132 18.75 -4.71 -23.76
N GLU A 133 17.74 -5.42 -23.23
CA GLU A 133 16.43 -5.53 -23.84
C GLU A 133 15.39 -4.52 -23.33
N GLY A 134 15.84 -3.58 -22.50
CA GLY A 134 14.99 -2.53 -21.96
C GLY A 134 13.74 -3.06 -21.28
N TYR A 135 12.60 -2.46 -21.61
CA TYR A 135 11.30 -2.86 -21.06
C TYR A 135 10.85 -4.25 -21.50
N ASN A 136 11.47 -4.76 -22.55
CA ASN A 136 11.10 -6.08 -23.08
C ASN A 136 11.83 -7.20 -22.41
N THR A 137 12.76 -6.84 -21.53
CA THR A 137 13.46 -7.80 -20.71
C THR A 137 12.50 -8.70 -19.97
N ILE A 138 12.68 -10.00 -20.12
CA ILE A 138 11.94 -10.95 -19.31
C ILE A 138 12.53 -10.91 -17.90
N VAL A 139 11.68 -10.62 -16.93
CA VAL A 139 12.11 -10.45 -15.54
C VAL A 139 12.98 -11.61 -15.05
N GLY A 140 12.50 -12.82 -15.32
CA GLY A 140 12.97 -14.08 -14.73
C GLY A 140 14.44 -14.44 -14.66
N GLU A 141 14.73 -15.38 -13.77
CA GLU A 141 16.09 -15.86 -13.47
C GLU A 141 16.72 -16.54 -14.67
N GLN A 142 17.95 -16.14 -15.00
CA GLN A 142 18.66 -16.59 -16.21
C GLN A 142 18.09 -15.92 -17.47
N GLY A 143 16.87 -15.39 -17.34
CA GLY A 143 16.23 -14.59 -18.37
C GLY A 143 16.70 -13.15 -18.27
N ALA A 144 17.29 -12.81 -17.11
CA ALA A 144 17.95 -11.52 -16.87
C ALA A 144 18.56 -11.48 -15.47
N GLY A 145 17.79 -11.91 -14.48
CA GLY A 145 18.21 -11.92 -13.08
C GLY A 145 18.12 -10.55 -12.42
N LEU A 146 16.90 -10.02 -12.28
CA LEU A 146 16.70 -8.79 -11.54
C LEU A 146 16.67 -9.06 -10.04
N SER A 147 17.08 -8.06 -9.25
CA SER A 147 17.05 -8.14 -7.79
C SER A 147 15.64 -7.91 -7.24
N GLY A 148 15.47 -8.22 -5.94
CA GLY A 148 14.21 -7.99 -5.26
C GLY A 148 13.87 -6.52 -5.11
N GLY A 149 14.88 -5.67 -5.06
CA GLY A 149 14.64 -4.24 -4.92
C GLY A 149 14.25 -3.61 -6.25
N GLN A 150 14.79 -4.18 -7.33
CA GLN A 150 14.45 -3.78 -8.69
C GLN A 150 13.00 -4.22 -8.97
N ARG A 151 12.71 -5.47 -8.64
CA ARG A 151 11.37 -5.99 -8.76
C ARG A 151 10.36 -5.18 -7.95
N GLN A 152 10.75 -4.72 -6.76
CA GLN A 152 9.84 -3.94 -5.93
C GLN A 152 9.52 -2.60 -6.56
N ARG A 153 10.51 -1.99 -7.19
CA ARG A 153 10.26 -0.75 -7.91
C ARG A 153 9.37 -1.00 -9.14
N ILE A 154 9.52 -2.16 -9.77
CA ILE A 154 8.60 -2.56 -10.81
C ILE A 154 7.15 -2.70 -10.25
N ALA A 155 7.04 -3.24 -9.04
CA ALA A 155 5.75 -3.40 -8.38
C ALA A 155 5.11 -2.06 -8.06
N ILE A 156 5.92 -1.07 -7.69
CA ILE A 156 5.44 0.30 -7.51
C ILE A 156 4.93 0.89 -8.83
N ALA A 157 5.69 0.71 -9.91
CA ALA A 157 5.26 1.23 -11.20
C ALA A 157 3.92 0.61 -11.61
N ARG A 158 3.77 -0.70 -11.38
CA ARG A 158 2.52 -1.41 -11.69
C ARG A 158 1.33 -0.78 -11.00
N ALA A 159 1.54 -0.47 -9.72
CA ALA A 159 0.50 0.14 -8.88
C ALA A 159 0.11 1.53 -9.37
N LEU A 160 1.08 2.25 -9.94
CA LEU A 160 0.93 3.65 -10.33
C LEU A 160 0.42 3.90 -11.75
N VAL A 161 0.46 2.86 -12.59
CA VAL A 161 0.37 3.06 -14.04
C VAL A 161 -0.97 3.65 -14.48
N ASN A 162 -2.05 3.29 -13.76
CA ASN A 162 -3.38 3.81 -14.06
C ASN A 162 -3.76 5.07 -13.27
N ASN A 163 -2.76 5.70 -12.66
CA ASN A 163 -2.97 6.94 -11.91
C ASN A 163 -4.07 6.85 -10.83
N PRO A 164 -3.94 5.89 -9.91
CA PRO A 164 -4.95 5.68 -8.87
C PRO A 164 -5.00 6.86 -7.91
N LYS A 165 -6.20 7.22 -7.50
CA LYS A 165 -6.32 8.26 -6.49
C LYS A 165 -5.95 7.76 -5.08
N ILE A 166 -5.96 6.43 -4.87
CA ILE A 166 -5.64 5.81 -3.57
C ILE A 166 -4.54 4.81 -3.83
N LEU A 167 -3.47 4.90 -3.07
CA LEU A 167 -2.37 3.99 -3.23
C LEU A 167 -2.13 3.28 -1.88
N ILE A 168 -2.06 1.96 -1.91
CA ILE A 168 -1.81 1.14 -0.73
C ILE A 168 -0.53 0.36 -0.89
N PHE A 169 0.32 0.50 0.11
CA PHE A 169 1.54 -0.32 0.20
C PHE A 169 1.31 -1.50 1.14
N ASP A 170 1.26 -2.72 0.61
CA ASP A 170 1.19 -3.92 1.44
C ASP A 170 2.44 -4.00 2.29
N GLU A 171 2.29 -4.63 3.46
CA GLU A 171 3.44 -4.85 4.33
C GLU A 171 4.64 -5.57 3.68
N ALA A 172 5.82 -5.01 3.94
CA ALA A 172 7.06 -5.54 3.37
C ALA A 172 7.38 -6.88 4.00
N THR A 173 7.70 -7.84 3.14
CA THR A 173 7.95 -9.21 3.53
C THR A 173 9.45 -9.53 3.53
N SER A 174 10.24 -8.65 2.91
CA SER A 174 11.70 -8.77 2.88
C SER A 174 12.34 -7.39 2.98
N ALA A 175 13.64 -7.39 3.26
CA ALA A 175 14.44 -6.17 3.19
C ALA A 175 14.95 -6.04 1.76
N LEU A 176 14.94 -4.81 1.25
CA LEU A 176 15.50 -4.55 -0.07
C LEU A 176 16.93 -4.02 0.05
N ASP A 177 17.69 -4.10 -1.04
CA ASP A 177 19.04 -3.54 -1.08
C ASP A 177 19.01 -2.04 -0.83
N TYR A 178 20.09 -1.51 -0.26
CA TYR A 178 20.22 -0.10 0.08
C TYR A 178 19.86 0.79 -1.11
N GLU A 179 20.37 0.44 -2.28
CA GLU A 179 20.15 1.20 -3.51
C GLU A 179 18.66 1.40 -3.79
N SER A 180 17.91 0.29 -3.75
CA SER A 180 16.49 0.29 -4.05
C SER A 180 15.68 1.04 -3.00
N GLU A 181 16.03 0.85 -1.72
CA GLU A 181 15.37 1.55 -0.61
C GLU A 181 15.61 3.06 -0.67
N HIS A 182 16.84 3.42 -1.06
CA HIS A 182 17.25 4.81 -1.20
C HIS A 182 16.47 5.49 -2.31
N VAL A 183 16.39 4.83 -3.46
CA VAL A 183 15.67 5.35 -4.60
C VAL A 183 14.20 5.56 -4.19
N ILE A 184 13.60 4.54 -3.56
CA ILE A 184 12.19 4.62 -3.18
C ILE A 184 11.92 5.76 -2.19
N MET A 185 12.70 5.82 -1.09
CA MET A 185 12.51 6.88 -0.08
C MET A 185 12.68 8.27 -0.70
N ARG A 186 13.68 8.43 -1.57
CA ARG A 186 13.87 9.68 -2.32
C ARG A 186 12.71 10.03 -3.25
N ASN A 187 12.03 9.01 -3.76
CA ASN A 187 10.94 9.23 -4.73
C ASN A 187 9.54 9.19 -4.09
N MET A 188 9.47 8.86 -2.79
CA MET A 188 8.16 8.68 -2.15
C MET A 188 7.23 9.88 -2.29
N HIS A 189 7.76 11.08 -2.16
CA HIS A 189 6.91 12.25 -2.29
C HIS A 189 6.37 12.43 -3.70
N LYS A 190 7.13 11.96 -4.69
CA LYS A 190 6.67 12.01 -6.08
C LYS A 190 5.61 10.92 -6.34
N ILE A 191 5.86 9.74 -5.77
CA ILE A 191 4.96 8.60 -5.89
C ILE A 191 3.61 8.94 -5.25
N CYS A 192 3.66 9.63 -4.12
CA CYS A 192 2.43 9.91 -3.33
C CYS A 192 1.73 11.20 -3.69
N LYS A 193 2.41 12.07 -4.43
CA LYS A 193 1.86 13.36 -4.77
C LYS A 193 0.46 13.21 -5.40
N GLY A 194 -0.51 13.94 -4.85
CA GLY A 194 -1.88 13.92 -5.39
C GLY A 194 -2.70 12.68 -5.03
N ARG A 195 -2.15 11.81 -4.19
CA ARG A 195 -2.88 10.59 -3.85
C ARG A 195 -3.12 10.46 -2.36
N THR A 196 -4.13 9.68 -2.01
CA THR A 196 -4.34 9.28 -0.63
C THR A 196 -3.56 7.98 -0.50
N VAL A 197 -2.70 7.88 0.52
CA VAL A 197 -1.75 6.79 0.59
C VAL A 197 -1.88 6.08 1.93
N ILE A 198 -1.94 4.76 1.88
CA ILE A 198 -1.95 3.94 3.09
C ILE A 198 -0.75 3.04 3.04
N ILE A 199 0.11 3.20 4.03
CA ILE A 199 1.30 2.31 4.14
C ILE A 199 1.20 1.40 5.35
N ILE A 200 1.15 0.08 5.11
CA ILE A 200 1.14 -0.90 6.18
C ILE A 200 2.62 -1.16 6.50
N ALA A 201 3.04 -0.76 7.68
CA ALA A 201 4.49 -0.75 7.98
C ALA A 201 4.87 -1.78 8.99
N ALA A 202 5.77 -2.68 8.58
CA ALA A 202 6.40 -3.65 9.46
C ALA A 202 7.20 -2.92 10.55
N ARG A 203 7.94 -1.89 10.14
CA ARG A 203 8.79 -1.16 11.08
C ARG A 203 8.16 0.21 11.28
N LEU A 204 7.93 0.66 12.52
CA LEU A 204 7.32 1.98 12.69
C LEU A 204 8.16 3.09 12.08
N SER A 205 9.48 2.93 12.07
CA SER A 205 10.36 3.98 11.48
C SER A 205 9.98 4.38 10.03
N THR A 206 9.49 3.41 9.28
CA THR A 206 9.04 3.61 7.90
C THR A 206 8.01 4.72 7.75
N VAL A 207 7.14 4.84 8.75
CA VAL A 207 6.03 5.79 8.63
C VAL A 207 6.13 6.94 9.65
N LYS A 208 7.33 7.16 10.19
CA LYS A 208 7.55 8.24 11.17
C LYS A 208 7.00 9.56 10.65
N ASN A 209 7.14 9.79 9.34
CA ASN A 209 6.76 11.07 8.75
C ASN A 209 5.40 11.10 8.02
N ALA A 210 4.61 10.05 8.22
CA ALA A 210 3.24 10.05 7.69
C ALA A 210 2.43 11.17 8.36
N ASP A 211 1.39 11.64 7.67
CA ASP A 211 0.51 12.65 8.25
C ASP A 211 -0.13 12.16 9.56
N ARG A 212 -0.58 10.90 9.56
CA ARG A 212 -1.08 10.27 10.78
C ARG A 212 -0.71 8.79 10.75
N ILE A 213 -0.54 8.22 11.93
CA ILE A 213 -0.26 6.81 12.07
C ILE A 213 -1.45 6.21 12.82
N ILE A 214 -1.93 5.04 12.37
CA ILE A 214 -3.04 4.37 13.01
C ILE A 214 -2.43 3.13 13.62
N VAL A 215 -2.70 2.95 14.91
CA VAL A 215 -2.22 1.81 15.66
C VAL A 215 -3.32 0.80 15.89
N MET A 216 -3.14 -0.39 15.32
CA MET A 216 -4.12 -1.47 15.51
C MET A 216 -3.68 -2.49 16.51
N GLU A 217 -4.64 -3.05 17.24
CA GLU A 217 -4.33 -4.12 18.20
C GLU A 217 -5.58 -4.94 18.30
N LYS A 218 -5.47 -6.23 18.03
CA LYS A 218 -6.59 -7.16 18.17
C LYS A 218 -7.84 -6.62 17.44
N GLY A 219 -7.62 -6.09 16.24
CA GLY A 219 -8.74 -5.75 15.38
C GLY A 219 -9.41 -4.42 15.70
N LYS A 220 -8.83 -3.66 16.63
CA LYS A 220 -9.33 -2.31 16.95
C LYS A 220 -8.27 -1.25 16.71
N ILE A 221 -8.72 -0.05 16.38
CA ILE A 221 -7.79 1.09 16.38
C ILE A 221 -7.70 1.59 17.79
N VAL A 222 -6.49 1.47 18.38
CA VAL A 222 -6.32 1.82 19.77
C VAL A 222 -5.75 3.21 19.96
N GLU A 223 -4.97 3.68 18.97
CA GLU A 223 -4.29 4.97 19.03
C GLU A 223 -4.18 5.50 17.61
N GLN A 224 -4.20 6.82 17.47
CA GLN A 224 -3.99 7.44 16.17
C GLN A 224 -3.43 8.84 16.39
N GLY A 225 -2.52 9.23 15.51
CA GLY A 225 -2.05 10.60 15.53
C GLY A 225 -0.72 10.69 14.83
N LYS A 226 -0.09 11.86 14.97
CA LYS A 226 1.25 12.02 14.43
C LYS A 226 2.23 11.35 15.36
N HIS A 227 3.35 10.89 14.80
CA HIS A 227 4.43 10.25 15.56
C HIS A 227 4.69 10.96 16.89
N LYS A 228 4.89 12.28 16.86
CA LYS A 228 5.33 12.95 18.10
C LYS A 228 4.23 12.89 19.16
N GLU A 229 2.99 12.99 18.70
CA GLU A 229 1.86 12.93 19.60
C GLU A 229 1.62 11.53 20.16
N LEU A 230 1.83 10.50 19.34
CA LEU A 230 1.69 9.13 19.84
C LEU A 230 2.71 8.80 20.89
N LEU A 231 3.93 9.30 20.71
CA LEU A 231 4.98 9.13 21.73
C LEU A 231 4.73 9.95 23.01
N SER A 232 3.88 10.97 22.92
CA SER A 232 3.48 11.80 24.09
C SER A 232 2.42 11.18 24.99
N GLU A 233 1.75 10.15 24.50
CA GLU A 233 0.71 9.47 25.24
C GLU A 233 1.46 8.51 26.19
N PRO A 234 1.49 8.80 27.49
CA PRO A 234 2.36 8.07 28.43
C PRO A 234 2.63 6.55 28.23
N GLU A 235 1.59 5.73 28.27
CA GLU A 235 1.77 4.26 28.23
C GLU A 235 1.28 3.73 26.91
N SER A 236 1.55 4.47 25.85
CA SER A 236 0.95 4.11 24.57
C SER A 236 1.55 2.84 24.01
N LEU A 237 0.71 2.09 23.31
CA LEU A 237 1.19 0.92 22.59
C LEU A 237 2.23 1.39 21.56
N TYR A 238 1.97 2.54 20.93
CA TYR A 238 2.95 3.08 20.02
C TYR A 238 4.37 3.19 20.62
N SER A 239 4.46 3.84 21.78
CA SER A 239 5.77 3.98 22.45
C SER A 239 6.38 2.62 22.73
N TYR A 240 5.53 1.67 23.13
CA TYR A 240 6.01 0.35 23.48
C TYR A 240 6.59 -0.29 22.23
N LEU A 241 5.87 -0.15 21.10
CA LEU A 241 6.37 -0.76 19.87
C LEU A 241 7.64 -0.07 19.39
N TYR A 242 7.68 1.26 19.54
CA TYR A 242 8.82 2.12 19.23
C TYR A 242 10.05 1.66 20.01
N GLN A 243 9.88 1.49 21.32
CA GLN A 243 10.93 0.99 22.22
C GLN A 243 11.40 -0.39 21.76
N LEU A 244 10.44 -1.28 21.47
CA LEU A 244 10.79 -2.67 21.11
C LEU A 244 11.68 -2.74 19.86
N GLN A 245 11.43 -1.84 18.91
CA GLN A 245 12.09 -1.89 17.62
C GLN A 245 13.38 -1.06 17.59
N SER A 246 13.61 -0.31 18.67
CA SER A 246 14.74 0.60 18.81
C SER A 246 16.05 -0.18 18.98
N ASP A 247 17.15 0.47 18.60
CA ASP A 247 18.49 -0.12 18.64
C ASP A 247 19.02 -0.34 20.06
PB ADP B . -2.00 -7.94 9.96
O1B ADP B . -0.79 -8.88 10.09
O2B ADP B . -2.05 -6.86 11.04
O3B ADP B . -1.96 -7.38 8.57
PA ADP B . -4.25 -9.50 9.05
O1A ADP B . -5.31 -8.47 8.69
O2A ADP B . -3.53 -10.10 7.87
O3A ADP B . -3.31 -8.85 10.15
O5' ADP B . -4.95 -10.69 9.87
C5' ADP B . -5.84 -10.45 10.91
C4' ADP B . -6.44 -11.78 11.34
O4' ADP B . -7.24 -12.31 10.32
C3' ADP B . -5.37 -12.84 11.64
O3' ADP B . -5.88 -13.62 12.71
C2' ADP B . -5.40 -13.70 10.41
O2' ADP B . -4.96 -15.03 10.65
C1' ADP B . -6.84 -13.63 9.96
N9 ADP B . -6.91 -13.76 8.51
C8 ADP B . -6.22 -13.07 7.55
N7 ADP B . -6.62 -13.51 6.33
C5 ADP B . -7.52 -14.48 6.54
C6 ADP B . -8.26 -15.27 5.65
N6 ADP B . -8.12 -15.09 4.35
N1 ADP B . -9.14 -16.19 6.17
C2 ADP B . -9.34 -16.38 7.53
N3 ADP B . -8.61 -15.57 8.39
C4 ADP B . -7.75 -14.64 7.88
C1 MPD C . 6.86 11.10 1.20
C2 MPD C . 6.05 11.03 2.49
O2 MPD C . 6.75 11.82 3.50
CM MPD C . 4.69 11.66 2.24
C3 MPD C . 5.86 9.61 3.06
C4 MPD C . 7.12 8.96 3.66
O4 MPD C . 7.50 9.62 4.85
C5 MPD C . 6.93 7.47 3.97
#